data_2YFR
#
_entry.id   2YFR
#
_cell.length_a   172.007
_cell.length_b   172.007
_cell.length_c   114.581
_cell.angle_alpha   90.00
_cell.angle_beta   90.00
_cell.angle_gamma   90.00
#
_symmetry.space_group_name_H-M   'I 4 2 2'
#
loop_
_entity.id
_entity.type
_entity.pdbx_description
1 polymer LEVANSUCRASE
2 non-polymer 'CALCIUM ION'
3 non-polymer 'CHLORIDE ION'
4 non-polymer 'ACETATE ION'
5 non-polymer 'SULFATE ION'
6 non-polymer GLYCEROL
7 water water
#
_entity_poly.entity_id   1
_entity_poly.type   'polypeptide(L)'
_entity_poly.pdbx_seq_one_letter_code
;MDVKQVEKKDSVDKTNAEENKDSSVKPAENATKAELKGQVKDIVEESGVDTSKLTNDQINELNKINFSKEAKSGTQLTYN
DFKKIAKTLIEQDARYAIPFFNASKIKNMPAAKTLDAQSGKVEDLEIWDSWPVQDAKTGYVSNWNGYQLVIGMMGVPNVN
DNHIYLLYNKYGDNDFNHWKNAGPIFGLGTPVIQQWSGSATLNKDGSIQLYYTKVDTSDNNTNHQKLASATVYLNLEKDQ
DKISIAHVDNDHIVFEGDGYHYQTYDQWKETNKGADNIAMRDAHVIDDDNGNRYLVFEASTGTENYQGDDQIYQWLNYGG
TNKDNLGDFFQILSNSDIKDRAKWSNAAIGIIKLNDDVKNPSVAKVYSPLISAPMVSDEIERPDVVKLGNKYYLFAATRL
NRGSNDDAWMATNKAVGDNVAMIGYVSDNLTHGYVPLNESGVVLTASVPANWRTATYSYYAVPVEGRDDQLLITSYITNR
GEVAGKGMHATWAPSFLLQINPDNTTTVLAKMTNQGDWIWDDSSENPDMMGVLEKDAPNSAALPGEWGKPVDWDLIGGYN
LKPHQHHHHHH
;
_entity_poly.pdbx_strand_id   A
#
loop_
_chem_comp.id
_chem_comp.type
_chem_comp.name
_chem_comp.formula
ACT non-polymer 'ACETATE ION' 'C2 H3 O2 -1'
CA non-polymer 'CALCIUM ION' 'Ca 2'
CL non-polymer 'CHLORIDE ION' 'Cl -1'
GOL non-polymer GLYCEROL 'C3 H8 O3'
SO4 non-polymer 'SULFATE ION' 'O4 S -2'
#
# COMPACT_ATOMS: atom_id res chain seq x y z
N LYS A 33 28.29 -32.29 24.02
CA LYS A 33 27.48 -31.70 25.13
C LYS A 33 27.44 -30.17 25.01
N ALA A 34 26.52 -29.66 24.20
CA ALA A 34 26.36 -28.22 24.01
C ALA A 34 25.65 -27.60 25.21
N GLU A 35 26.08 -26.40 25.58
CA GLU A 35 25.49 -25.70 26.73
C GLU A 35 24.90 -24.35 26.31
N LEU A 36 23.71 -24.06 26.81
CA LEU A 36 23.05 -22.79 26.54
C LEU A 36 23.80 -21.61 27.15
N LYS A 37 23.94 -20.55 26.38
CA LYS A 37 24.43 -19.26 26.86
C LYS A 37 23.47 -18.64 27.87
N GLY A 38 23.98 -17.67 28.63
CA GLY A 38 23.26 -17.05 29.72
C GLY A 38 21.90 -16.45 29.39
N GLN A 39 21.85 -15.52 28.43
CA GLN A 39 20.60 -14.81 28.16
C GLN A 39 19.54 -15.75 27.62
N VAL A 40 19.93 -16.58 26.66
CA VAL A 40 18.95 -17.50 26.07
C VAL A 40 18.51 -18.57 27.08
N LYS A 41 19.39 -18.97 28.00
CA LYS A 41 18.98 -19.87 29.06
C LYS A 41 17.83 -19.28 29.89
N ASP A 42 17.92 -17.98 30.20
CA ASP A 42 16.85 -17.28 30.89
C ASP A 42 15.53 -17.33 30.12
N ILE A 43 15.61 -17.11 28.79
CA ILE A 43 14.44 -17.16 27.91
C ILE A 43 13.78 -18.53 27.94
N VAL A 44 14.58 -19.57 27.78
CA VAL A 44 14.09 -20.94 27.74
C VAL A 44 13.36 -21.28 29.04
N GLU A 45 13.97 -20.90 30.18
CA GLU A 45 13.38 -21.16 31.49
C GLU A 45 12.10 -20.37 31.71
N GLU A 46 12.12 -19.08 31.36
CA GLU A 46 10.93 -18.26 31.47
C GLU A 46 9.76 -18.83 30.66
N SER A 47 10.09 -19.45 29.53
CA SER A 47 9.10 -20.03 28.60
C SER A 47 8.52 -21.37 29.05
N GLY A 48 9.03 -21.90 30.18
CA GLY A 48 8.57 -23.17 30.73
C GLY A 48 9.12 -24.39 30.00
N VAL A 49 10.17 -24.19 29.21
CA VAL A 49 10.79 -25.27 28.48
C VAL A 49 11.84 -25.92 29.35
N ASP A 50 11.81 -27.26 29.42
CA ASP A 50 12.77 -28.06 30.15
C ASP A 50 14.08 -28.08 29.34
N THR A 51 15.11 -27.45 29.89
CA THR A 51 16.39 -27.32 29.18
C THR A 51 17.07 -28.65 28.84
N SER A 52 16.85 -29.67 29.67
CA SER A 52 17.41 -31.00 29.43
C SER A 52 16.70 -31.76 28.32
N LYS A 53 15.58 -31.22 27.82
CA LYS A 53 14.85 -31.85 26.73
C LYS A 53 15.28 -31.32 25.35
N LEU A 54 16.15 -30.31 25.35
CA LEU A 54 16.67 -29.74 24.11
C LEU A 54 17.77 -30.60 23.50
N THR A 55 17.77 -30.69 22.17
CA THR A 55 18.82 -31.39 21.45
C THR A 55 20.02 -30.46 21.29
N ASN A 56 21.18 -31.03 20.96
CA ASN A 56 22.36 -30.24 20.62
C ASN A 56 22.11 -29.27 19.46
N ASP A 57 21.40 -29.74 18.43
CA ASP A 57 21.01 -28.89 17.30
C ASP A 57 20.23 -27.66 17.75
N GLN A 58 19.21 -27.88 18.59
CA GLN A 58 18.38 -26.80 19.11
C GLN A 58 19.22 -25.83 19.95
N ILE A 59 20.09 -26.38 20.79
CA ILE A 59 20.96 -25.57 21.64
C ILE A 59 21.89 -24.69 20.79
N ASN A 60 22.47 -25.28 19.75
CA ASN A 60 23.37 -24.54 18.87
C ASN A 60 22.62 -23.42 18.14
N GLU A 61 21.37 -23.67 17.74
CA GLU A 61 20.53 -22.63 17.13
C GLU A 61 20.23 -21.50 18.12
N LEU A 62 19.78 -21.86 19.32
CA LEU A 62 19.47 -20.88 20.37
C LEU A 62 20.65 -19.98 20.74
N ASN A 63 21.85 -20.56 20.77
CA ASN A 63 23.05 -19.80 21.09
C ASN A 63 23.44 -18.75 20.04
N LYS A 64 22.83 -18.83 18.86
CA LYS A 64 23.06 -17.85 17.78
C LYS A 64 22.17 -16.59 17.92
N ILE A 65 21.14 -16.66 18.77
CA ILE A 65 20.23 -15.53 18.90
C ILE A 65 20.94 -14.28 19.43
N ASN A 66 20.67 -13.15 18.78
CA ASN A 66 21.22 -11.86 19.15
C ASN A 66 20.15 -11.04 19.86
N PHE A 67 20.41 -10.72 21.13
CA PHE A 67 19.40 -10.05 21.97
C PHE A 67 19.59 -8.55 22.04
N SER A 68 20.27 -8.00 21.05
CA SER A 68 20.44 -6.55 20.97
C SER A 68 19.09 -5.86 21.06
N LYS A 69 19.04 -4.73 21.78
CA LYS A 69 17.79 -4.00 21.97
C LYS A 69 17.64 -2.78 21.05
N GLU A 70 18.68 -2.47 20.28
CA GLU A 70 18.76 -1.24 19.50
C GLU A 70 18.14 -1.44 18.11
N ALA A 71 17.08 -0.67 17.83
CA ALA A 71 16.40 -0.71 16.54
C ALA A 71 17.31 -0.10 15.47
N LYS A 72 17.50 -0.82 14.36
CA LYS A 72 18.42 -0.39 13.31
C LYS A 72 17.73 0.35 12.16
N SER A 73 16.42 0.13 12.00
CA SER A 73 15.72 0.62 10.81
C SER A 73 14.28 1.05 11.08
N GLY A 74 14.11 1.91 12.09
CA GLY A 74 12.80 2.51 12.36
C GLY A 74 11.88 1.58 13.13
N THR A 75 10.59 1.89 13.08
CA THR A 75 9.58 1.11 13.77
C THR A 75 9.31 -0.12 12.95
N GLN A 76 9.27 -1.27 13.59
CA GLN A 76 9.16 -2.50 12.82
C GLN A 76 7.80 -3.11 12.83
N LEU A 77 7.42 -3.66 11.68
CA LEU A 77 6.32 -4.58 11.61
CA LEU A 77 6.33 -4.60 11.57
C LEU A 77 6.94 -5.95 11.97
N THR A 78 6.70 -6.37 13.22
CA THR A 78 7.34 -7.57 13.75
C THR A 78 6.57 -8.84 13.37
N TYR A 79 7.21 -9.99 13.63
CA TYR A 79 6.61 -11.29 13.34
C TYR A 79 5.29 -11.45 14.12
N ASN A 80 5.28 -11.00 15.36
CA ASN A 80 4.06 -11.03 16.18
C ASN A 80 3.00 -10.07 15.67
N ASP A 81 3.42 -8.85 15.28
CA ASP A 81 2.47 -7.87 14.70
C ASP A 81 1.78 -8.48 13.49
N PHE A 82 2.57 -9.16 12.65
CA PHE A 82 2.03 -9.77 11.43
C PHE A 82 0.98 -10.83 11.80
N LYS A 83 1.31 -11.66 12.81
CA LYS A 83 0.33 -12.65 13.28
C LYS A 83 -0.95 -11.99 13.79
N LYS A 84 -0.81 -10.87 14.51
CA LYS A 84 -1.97 -10.15 15.06
C LYS A 84 -2.80 -9.53 13.95
N ILE A 85 -2.14 -8.95 12.95
CA ILE A 85 -2.87 -8.41 11.80
C ILE A 85 -3.70 -9.51 11.11
N ALA A 86 -3.08 -10.67 10.88
CA ALA A 86 -3.79 -11.80 10.26
C ALA A 86 -4.96 -12.26 11.13
N LYS A 87 -4.75 -12.37 12.44
CA LYS A 87 -5.80 -12.80 13.34
C LYS A 87 -6.97 -11.79 13.32
N THR A 88 -6.64 -10.51 13.30
CA THR A 88 -7.66 -9.47 13.28
C THR A 88 -8.45 -9.54 11.96
N LEU A 89 -7.76 -9.78 10.86
CA LEU A 89 -8.43 -9.97 9.56
C LEU A 89 -9.45 -11.13 9.66
N ILE A 90 -9.01 -12.25 10.24
CA ILE A 90 -9.85 -13.44 10.32
C ILE A 90 -11.09 -13.17 11.16
N GLU A 91 -10.95 -12.34 12.19
CA GLU A 91 -12.07 -12.00 13.07
C GLU A 91 -13.16 -11.15 12.42
N GLN A 92 -12.82 -10.44 11.34
CA GLN A 92 -13.77 -9.63 10.57
C GLN A 92 -14.56 -8.69 11.50
N ASP A 93 -13.80 -7.91 12.25
CA ASP A 93 -14.29 -6.99 13.26
C ASP A 93 -14.80 -5.74 12.56
N ALA A 94 -15.96 -5.25 12.98
CA ALA A 94 -16.55 -4.04 12.38
C ALA A 94 -15.59 -2.85 12.43
N ARG A 95 -14.69 -2.83 13.42
CA ARG A 95 -13.76 -1.70 13.58
C ARG A 95 -12.77 -1.59 12.42
N TYR A 96 -12.41 -2.73 11.82
CA TYR A 96 -11.32 -2.77 10.84
C TYR A 96 -11.72 -3.31 9.49
N ALA A 97 -12.74 -4.16 9.43
CA ALA A 97 -13.04 -4.81 8.14
C ALA A 97 -13.47 -3.80 7.08
N ILE A 98 -12.98 -3.99 5.85
CA ILE A 98 -13.43 -3.13 4.76
CA ILE A 98 -13.43 -3.16 4.73
C ILE A 98 -14.95 -3.31 4.63
N PRO A 99 -15.70 -2.19 4.56
CA PRO A 99 -17.16 -2.33 4.47
C PRO A 99 -17.58 -3.13 3.26
N PHE A 100 -18.71 -3.82 3.37
CA PHE A 100 -19.26 -4.50 2.18
C PHE A 100 -19.79 -3.46 1.20
N PHE A 101 -19.59 -3.73 -0.09
CA PHE A 101 -20.04 -2.85 -1.17
C PHE A 101 -21.17 -3.54 -1.93
N ASN A 102 -22.13 -2.74 -2.41
CA ASN A 102 -23.23 -3.26 -3.21
C ASN A 102 -22.68 -3.64 -4.60
N ALA A 103 -22.47 -4.95 -4.82
CA ALA A 103 -21.81 -5.43 -6.06
C ALA A 103 -22.55 -4.98 -7.31
N SER A 104 -23.88 -4.98 -7.26
CA SER A 104 -24.70 -4.62 -8.43
C SER A 104 -24.53 -3.17 -8.91
N LYS A 105 -24.01 -2.30 -8.05
CA LYS A 105 -23.77 -0.91 -8.42
C LYS A 105 -22.41 -0.64 -9.02
N ILE A 106 -21.51 -1.62 -8.96
CA ILE A 106 -20.13 -1.35 -9.40
C ILE A 106 -20.06 -1.37 -10.92
N LYS A 107 -19.50 -0.31 -11.50
CA LYS A 107 -19.29 -0.29 -12.96
C LYS A 107 -17.85 -0.02 -13.35
N ASN A 108 -17.45 -0.52 -14.52
CA ASN A 108 -16.18 -0.12 -15.10
C ASN A 108 -16.18 1.38 -15.36
N MET A 109 -15.01 1.99 -15.25
CA MET A 109 -14.94 3.45 -15.38
C MET A 109 -15.20 3.90 -16.84
N PRO A 110 -16.20 4.77 -17.05
CA PRO A 110 -16.45 5.16 -18.45
C PRO A 110 -15.22 5.81 -19.14
N ALA A 111 -14.45 6.59 -18.36
CA ALA A 111 -13.23 7.24 -18.87
C ALA A 111 -12.09 6.28 -19.16
N ALA A 112 -12.26 5.01 -18.82
CA ALA A 112 -11.25 4.01 -19.13
C ALA A 112 -11.39 3.43 -20.55
N LYS A 113 -12.46 3.82 -21.26
CA LYS A 113 -12.54 3.54 -22.70
C LYS A 113 -11.80 4.67 -23.39
N THR A 114 -10.57 4.41 -23.78
CA THR A 114 -9.67 5.51 -24.08
C THR A 114 -8.45 5.00 -24.86
N LEU A 115 -7.70 5.93 -25.47
CA LEU A 115 -6.47 5.58 -26.17
C LEU A 115 -5.50 4.90 -25.21
N ASP A 116 -4.98 3.75 -25.63
CA ASP A 116 -4.02 2.98 -24.84
C ASP A 116 -2.58 3.41 -25.20
N ALA A 117 -1.77 3.69 -24.17
CA ALA A 117 -0.39 4.15 -24.38
C ALA A 117 0.44 3.18 -25.22
N GLN A 118 0.16 1.88 -25.11
CA GLN A 118 0.98 0.87 -25.85
C GLN A 118 0.45 0.47 -27.23
N SER A 119 -0.73 0.95 -27.60
CA SER A 119 -1.24 0.65 -28.95
C SER A 119 -1.57 1.87 -29.79
N GLY A 120 -1.85 3.00 -29.14
CA GLY A 120 -2.30 4.20 -29.84
C GLY A 120 -3.77 4.14 -30.23
N LYS A 121 -4.44 3.03 -29.88
CA LYS A 121 -5.83 2.80 -30.28
C LYS A 121 -6.75 2.86 -29.07
N VAL A 122 -8.02 3.22 -29.30
CA VAL A 122 -8.99 3.23 -28.20
C VAL A 122 -9.31 1.78 -27.80
N GLU A 123 -9.14 1.49 -26.52
CA GLU A 123 -9.39 0.14 -25.98
C GLU A 123 -10.08 0.29 -24.63
N ASP A 124 -10.63 -0.80 -24.09
CA ASP A 124 -11.24 -0.78 -22.77
CA ASP A 124 -11.23 -0.68 -22.75
C ASP A 124 -10.17 -1.06 -21.71
N LEU A 125 -9.57 -0.01 -21.13
CA LEU A 125 -8.53 -0.21 -20.11
C LEU A 125 -9.18 -0.51 -18.77
N GLU A 126 -8.40 -1.00 -17.82
CA GLU A 126 -8.84 -0.97 -16.43
C GLU A 126 -7.95 0.02 -15.68
N ILE A 127 -8.32 0.40 -14.47
CA ILE A 127 -7.59 1.43 -13.73
C ILE A 127 -7.38 0.92 -12.32
N TRP A 128 -6.17 1.13 -11.82
CA TRP A 128 -5.86 0.69 -10.47
C TRP A 128 -5.27 1.84 -9.65
N ASP A 129 -4.03 1.71 -9.17
CA ASP A 129 -3.45 2.70 -8.26
C ASP A 129 -3.60 4.12 -8.80
N SER A 130 -4.28 4.97 -8.04
CA SER A 130 -4.56 6.35 -8.46
C SER A 130 -4.32 7.29 -7.29
N TRP A 131 -4.06 8.57 -7.61
CA TRP A 131 -3.83 9.58 -6.58
C TRP A 131 -4.32 10.93 -7.07
N PRO A 132 -4.89 11.73 -6.17
CA PRO A 132 -5.30 13.06 -6.56
C PRO A 132 -4.12 14.02 -6.58
N VAL A 133 -4.22 15.08 -7.38
CA VAL A 133 -3.33 16.22 -7.22
C VAL A 133 -3.79 16.89 -5.91
N GLN A 134 -2.87 17.00 -4.97
CA GLN A 134 -3.25 17.47 -3.62
C GLN A 134 -2.26 18.46 -3.03
N ASP A 135 -2.75 19.30 -2.12
CA ASP A 135 -1.88 20.24 -1.40
CA ASP A 135 -1.90 20.24 -1.40
C ASP A 135 -0.83 19.47 -0.60
N ALA A 136 0.43 19.91 -0.69
CA ALA A 136 1.54 19.14 -0.09
C ALA A 136 1.58 19.18 1.44
N LYS A 137 1.06 20.24 2.04
CA LYS A 137 1.03 20.32 3.50
C LYS A 137 -0.17 19.60 4.12
N THR A 138 -1.34 19.84 3.55
CA THR A 138 -2.61 19.39 4.15
C THR A 138 -3.19 18.14 3.53
N GLY A 139 -2.73 17.79 2.32
CA GLY A 139 -3.28 16.65 1.60
C GLY A 139 -4.64 16.90 0.93
N TYR A 140 -5.20 18.10 1.06
CA TYR A 140 -6.55 18.36 0.49
C TYR A 140 -6.50 18.28 -1.04
N VAL A 141 -7.53 17.70 -1.63
CA VAL A 141 -7.57 17.62 -3.10
C VAL A 141 -7.57 19.03 -3.69
N SER A 142 -6.65 19.31 -4.62
CA SER A 142 -6.48 20.66 -5.16
C SER A 142 -7.60 21.05 -6.12
N ASN A 143 -7.99 22.32 -6.06
CA ASN A 143 -8.95 22.86 -7.02
C ASN A 143 -8.18 23.60 -8.10
N TRP A 144 -8.13 23.03 -9.31
CA TRP A 144 -7.37 23.60 -10.42
C TRP A 144 -8.36 24.18 -11.41
N ASN A 145 -8.51 25.51 -11.41
CA ASN A 145 -9.47 26.17 -12.29
C ASN A 145 -10.88 25.56 -12.25
N GLY A 146 -11.33 25.13 -11.07
CA GLY A 146 -12.68 24.53 -10.95
C GLY A 146 -12.74 23.02 -11.15
N TYR A 147 -11.58 22.40 -11.35
CA TYR A 147 -11.46 20.94 -11.58
C TYR A 147 -10.70 20.24 -10.48
N GLN A 148 -11.03 18.96 -10.31
CA GLN A 148 -10.21 18.06 -9.53
C GLN A 148 -9.45 17.19 -10.51
N LEU A 149 -8.21 16.89 -10.17
CA LEU A 149 -7.31 16.15 -11.07
C LEU A 149 -6.80 14.91 -10.38
N VAL A 150 -6.82 13.77 -11.08
CA VAL A 150 -6.34 12.52 -10.53
C VAL A 150 -5.43 11.86 -11.57
N ILE A 151 -4.33 11.28 -11.09
CA ILE A 151 -3.42 10.59 -12.01
C ILE A 151 -3.47 9.12 -11.61
N GLY A 152 -3.57 8.23 -12.60
CA GLY A 152 -3.72 6.81 -12.25
C GLY A 152 -3.03 5.88 -13.22
N MET A 153 -2.68 4.69 -12.72
CA MET A 153 -2.16 3.62 -13.58
C MET A 153 -3.34 2.99 -14.33
N MET A 154 -3.23 2.86 -15.65
CA MET A 154 -4.27 2.20 -16.45
C MET A 154 -3.61 1.37 -17.52
N GLY A 155 -4.33 0.39 -18.01
CA GLY A 155 -3.81 -0.47 -19.07
C GLY A 155 -4.79 -1.58 -19.42
N VAL A 156 -4.50 -2.29 -20.50
CA VAL A 156 -5.42 -3.35 -20.95
C VAL A 156 -5.26 -4.57 -20.05
N PRO A 157 -6.38 -5.14 -19.55
CA PRO A 157 -6.25 -6.31 -18.69
C PRO A 157 -5.46 -7.44 -19.36
N ASN A 158 -4.61 -8.09 -18.56
CA ASN A 158 -3.73 -9.19 -19.01
C ASN A 158 -2.67 -8.80 -20.04
N VAL A 159 -2.42 -7.50 -20.16
CA VAL A 159 -1.26 -7.04 -20.93
C VAL A 159 -0.33 -6.41 -19.92
N ASN A 160 0.98 -6.62 -20.09
CA ASN A 160 1.93 -5.84 -19.32
C ASN A 160 1.91 -4.45 -19.96
N ASP A 161 1.14 -3.55 -19.33
CA ASP A 161 0.78 -2.25 -19.91
C ASP A 161 0.65 -1.23 -18.75
N ASN A 162 1.79 -0.85 -18.18
CA ASN A 162 1.82 -0.03 -16.95
C ASN A 162 2.24 1.40 -17.24
N HIS A 163 1.24 2.28 -17.40
CA HIS A 163 1.51 3.68 -17.69
C HIS A 163 0.52 4.54 -16.96
N ILE A 164 0.84 5.82 -16.84
CA ILE A 164 -0.01 6.71 -16.05
C ILE A 164 -0.75 7.72 -16.93
N TYR A 165 -1.95 8.08 -16.49
CA TYR A 165 -2.90 8.87 -17.27
C TYR A 165 -3.52 9.94 -16.36
N LEU A 166 -3.94 11.04 -16.95
CA LEU A 166 -4.59 12.12 -16.20
C LEU A 166 -6.11 12.07 -16.37
N LEU A 167 -6.82 12.03 -15.24
CA LEU A 167 -8.28 12.03 -15.23
C LEU A 167 -8.74 13.32 -14.56
N TYR A 168 -9.89 13.83 -14.98
CA TYR A 168 -10.37 15.09 -14.40
C TYR A 168 -11.87 15.16 -14.36
N ASN A 169 -12.38 15.96 -13.41
CA ASN A 169 -13.81 16.16 -13.24
C ASN A 169 -13.98 17.55 -12.63
N LYS A 170 -15.17 18.11 -12.72
CA LYS A 170 -15.41 19.37 -12.01
C LYS A 170 -15.21 19.14 -10.53
N TYR A 171 -14.65 20.12 -9.83
CA TYR A 171 -14.35 19.97 -8.40
C TYR A 171 -15.65 19.79 -7.61
N GLY A 172 -15.73 18.72 -6.82
CA GLY A 172 -16.92 18.46 -5.99
C GLY A 172 -18.05 17.78 -6.74
N ASP A 173 -17.83 17.45 -8.01
CA ASP A 173 -18.82 16.71 -8.78
C ASP A 173 -18.61 15.23 -8.45
N ASN A 174 -19.60 14.62 -7.77
CA ASN A 174 -19.47 13.24 -7.28
C ASN A 174 -19.86 12.18 -8.31
N ASP A 175 -20.24 12.61 -9.51
CA ASP A 175 -20.75 11.69 -10.54
C ASP A 175 -19.61 10.98 -11.24
N PHE A 176 -19.52 9.65 -11.05
CA PHE A 176 -18.47 8.81 -11.61
C PHE A 176 -18.48 8.86 -13.14
N ASN A 177 -19.66 9.05 -13.72
CA ASN A 177 -19.77 9.10 -15.17
C ASN A 177 -19.19 10.37 -15.78
N HIS A 178 -18.94 11.38 -14.96
CA HIS A 178 -18.49 12.66 -15.48
C HIS A 178 -16.97 12.79 -15.65
N TRP A 179 -16.21 11.85 -15.11
CA TRP A 179 -14.74 11.86 -15.25
C TRP A 179 -14.37 11.70 -16.72
N LYS A 180 -13.35 12.44 -17.13
CA LYS A 180 -12.81 12.34 -18.49
C LYS A 180 -11.33 12.05 -18.39
N ASN A 181 -10.79 11.51 -19.48
CA ASN A 181 -9.39 11.11 -19.54
C ASN A 181 -8.65 12.05 -20.47
N ALA A 182 -7.57 12.66 -19.98
CA ALA A 182 -6.73 13.55 -20.79
C ALA A 182 -5.63 12.76 -21.51
N GLY A 183 -5.54 11.46 -21.21
CA GLY A 183 -4.59 10.58 -21.91
C GLY A 183 -3.34 10.32 -21.09
N PRO A 184 -2.41 9.52 -21.65
CA PRO A 184 -1.18 9.14 -20.92
C PRO A 184 -0.26 10.33 -20.77
N ILE A 185 0.24 10.54 -19.55
CA ILE A 185 1.11 11.68 -19.24
C ILE A 185 2.28 11.76 -20.22
N PHE A 186 2.89 10.61 -20.48
CA PHE A 186 4.11 10.55 -21.29
C PHE A 186 3.88 10.11 -22.75
N GLY A 187 2.63 10.08 -23.16
CA GLY A 187 2.28 9.73 -24.55
C GLY A 187 2.45 8.23 -24.81
N LEU A 188 2.68 7.86 -26.06
CA LEU A 188 2.78 6.44 -26.41
C LEU A 188 4.09 5.86 -25.92
N GLY A 189 4.05 4.58 -25.59
CA GLY A 189 5.26 3.90 -25.17
C GLY A 189 5.16 2.40 -25.27
N THR A 190 6.02 1.73 -24.49
CA THR A 190 6.22 0.29 -24.60
C THR A 190 6.49 -0.23 -23.19
N PRO A 191 6.56 -1.56 -23.00
CA PRO A 191 6.89 -2.10 -21.67
C PRO A 191 8.33 -1.89 -21.24
N VAL A 192 9.18 -1.38 -22.12
CA VAL A 192 10.57 -1.15 -21.75
C VAL A 192 10.70 -0.06 -20.67
N ILE A 193 9.92 1.01 -20.81
CA ILE A 193 9.87 2.07 -19.80
C ILE A 193 8.43 2.24 -19.32
N GLN A 194 8.23 1.98 -18.04
CA GLN A 194 6.90 1.99 -17.44
C GLN A 194 6.83 3.08 -16.40
N GLN A 195 5.60 3.48 -16.08
CA GLN A 195 5.38 4.40 -14.98
C GLN A 195 4.48 3.76 -13.95
N TRP A 196 4.98 3.66 -12.72
CA TRP A 196 4.17 3.16 -11.61
C TRP A 196 3.89 4.30 -10.63
N SER A 197 3.35 3.94 -9.47
CA SER A 197 2.66 4.94 -8.62
CA SER A 197 2.66 4.92 -8.59
C SER A 197 3.54 6.02 -7.99
N GLY A 198 2.90 7.13 -7.63
CA GLY A 198 3.56 8.21 -6.95
C GLY A 198 2.51 9.13 -6.36
N SER A 199 2.69 10.42 -6.59
CA SER A 199 1.84 11.46 -5.99
C SER A 199 2.00 12.73 -6.82
N ALA A 200 1.22 13.76 -6.53
CA ALA A 200 1.28 14.98 -7.33
C ALA A 200 0.76 16.15 -6.53
N THR A 201 1.28 17.35 -6.82
CA THR A 201 0.85 18.55 -6.10
C THR A 201 1.00 19.72 -7.08
N LEU A 202 0.35 20.84 -6.80
CA LEU A 202 0.47 21.99 -7.70
C LEU A 202 1.70 22.86 -7.42
N ASN A 203 2.29 23.37 -8.49
CA ASN A 203 3.25 24.45 -8.39
C ASN A 203 2.52 25.78 -8.36
N LYS A 204 3.22 26.84 -7.95
CA LYS A 204 2.63 28.17 -7.83
C LYS A 204 2.03 28.67 -9.14
N ASP A 205 2.68 28.33 -10.25
CA ASP A 205 2.21 28.75 -11.57
C ASP A 205 1.09 27.88 -12.15
N GLY A 206 0.62 26.90 -11.39
CA GLY A 206 -0.51 26.06 -11.83
C GLY A 206 -0.13 24.83 -12.64
N SER A 207 1.17 24.60 -12.82
CA SER A 207 1.64 23.31 -13.33
C SER A 207 1.56 22.28 -12.20
N ILE A 208 1.60 21.01 -12.57
CA ILE A 208 1.55 19.90 -11.61
C ILE A 208 2.97 19.43 -11.42
N GLN A 209 3.43 19.31 -10.18
CA GLN A 209 4.69 18.60 -9.95
C GLN A 209 4.34 17.16 -9.64
N LEU A 210 4.74 16.27 -10.55
CA LEU A 210 4.40 14.86 -10.48
C LEU A 210 5.58 14.06 -9.95
N TYR A 211 5.33 13.19 -8.98
CA TYR A 211 6.37 12.27 -8.51
C TYR A 211 5.88 10.88 -8.86
N TYR A 212 6.68 10.14 -9.62
CA TYR A 212 6.21 8.84 -10.08
C TYR A 212 7.36 7.85 -10.09
N THR A 213 7.04 6.57 -10.34
CA THR A 213 8.08 5.55 -10.39
C THR A 213 8.42 5.26 -11.84
N LYS A 214 9.67 5.49 -12.24
CA LYS A 214 10.08 5.14 -13.61
C LYS A 214 10.67 3.73 -13.53
N VAL A 215 10.17 2.82 -14.38
CA VAL A 215 10.62 1.42 -14.31
C VAL A 215 11.23 1.06 -15.68
N ASP A 216 12.47 0.58 -15.66
CA ASP A 216 13.18 0.14 -16.87
C ASP A 216 13.28 -1.41 -16.81
N THR A 217 12.73 -2.10 -17.83
CA THR A 217 12.67 -3.57 -17.83
C THR A 217 13.62 -4.20 -18.83
N SER A 218 14.59 -3.42 -19.29
CA SER A 218 15.50 -3.91 -20.35
C SER A 218 16.54 -4.95 -19.91
N ASP A 219 16.78 -5.05 -18.60
CA ASP A 219 17.77 -6.03 -18.05
C ASP A 219 17.11 -7.34 -17.63
N ASN A 220 17.01 -8.29 -18.56
CA ASN A 220 16.36 -9.58 -18.28
C ASN A 220 15.00 -9.43 -17.63
N ASN A 221 14.23 -8.46 -18.13
CA ASN A 221 12.86 -8.23 -17.68
C ASN A 221 12.67 -7.93 -16.20
N THR A 222 13.73 -7.45 -15.54
CA THR A 222 13.57 -7.05 -14.15
C THR A 222 12.85 -5.72 -14.07
N ASN A 223 12.14 -5.50 -12.96
CA ASN A 223 11.47 -4.24 -12.77
C ASN A 223 12.37 -3.27 -12.02
N HIS A 224 13.30 -2.67 -12.75
CA HIS A 224 14.29 -1.77 -12.17
C HIS A 224 13.62 -0.41 -11.92
N GLN A 225 13.26 -0.18 -10.66
CA GLN A 225 12.47 1.00 -10.27
C GLN A 225 13.30 2.15 -9.75
N LYS A 226 12.89 3.39 -10.05
CA LYS A 226 13.55 4.60 -9.56
C LYS A 226 12.48 5.62 -9.25
N LEU A 227 12.74 6.46 -8.27
CA LEU A 227 11.83 7.60 -8.01
C LEU A 227 12.18 8.71 -9.01
N ALA A 228 11.16 9.22 -9.69
CA ALA A 228 11.35 10.25 -10.72
C ALA A 228 10.39 11.42 -10.49
N SER A 229 10.64 12.54 -11.15
CA SER A 229 9.70 13.67 -11.06
C SER A 229 9.62 14.35 -12.42
N ALA A 230 8.48 14.96 -12.71
CA ALA A 230 8.32 15.76 -13.93
C ALA A 230 7.30 16.86 -13.64
N THR A 231 7.40 17.93 -14.42
CA THR A 231 6.46 19.04 -14.32
C THR A 231 5.46 18.96 -15.49
N VAL A 232 4.18 18.96 -15.17
CA VAL A 232 3.14 18.77 -16.20
C VAL A 232 2.28 20.01 -16.29
N TYR A 233 2.21 20.58 -17.50
CA TYR A 233 1.41 21.77 -17.78
C TYR A 233 0.19 21.38 -18.58
N LEU A 234 -0.95 21.93 -18.21
CA LEU A 234 -2.23 21.59 -18.81
C LEU A 234 -2.81 22.73 -19.65
N ASN A 235 -3.58 22.36 -20.68
CA ASN A 235 -4.35 23.33 -21.48
C ASN A 235 -5.83 23.10 -21.15
N LEU A 236 -6.56 24.17 -20.86
CA LEU A 236 -7.99 24.09 -20.61
C LEU A 236 -8.78 24.72 -21.75
N GLU A 237 -9.69 23.95 -22.33
CA GLU A 237 -10.63 24.50 -23.30
C GLU A 237 -11.96 24.62 -22.58
N LYS A 238 -12.27 25.84 -22.11
CA LYS A 238 -13.44 26.07 -21.25
C LYS A 238 -14.78 25.72 -21.88
N ASP A 239 -14.95 26.03 -23.16
CA ASP A 239 -16.22 25.82 -23.87
CA ASP A 239 -16.24 25.82 -23.83
C ASP A 239 -16.52 24.35 -24.16
N GLN A 240 -15.55 23.48 -23.88
CA GLN A 240 -15.74 22.04 -24.05
C GLN A 240 -15.50 21.27 -22.75
N ASP A 241 -15.21 22.01 -21.68
CA ASP A 241 -14.84 21.42 -20.39
C ASP A 241 -13.75 20.37 -20.61
N LYS A 242 -12.74 20.72 -21.40
CA LYS A 242 -11.76 19.74 -21.85
C LYS A 242 -10.35 20.14 -21.39
N ILE A 243 -9.66 19.21 -20.74
CA ILE A 243 -8.30 19.44 -20.31
C ILE A 243 -7.41 18.53 -21.12
N SER A 244 -6.28 19.09 -21.58
CA SER A 244 -5.27 18.33 -22.32
CA SER A 244 -5.29 18.30 -22.28
C SER A 244 -3.89 18.54 -21.70
N ILE A 245 -3.00 17.59 -21.93
CA ILE A 245 -1.62 17.69 -21.49
C ILE A 245 -0.87 18.52 -22.52
N ALA A 246 -0.32 19.65 -22.07
CA ALA A 246 0.31 20.59 -23.01
C ALA A 246 1.82 20.42 -23.08
N HIS A 247 2.46 20.37 -21.92
CA HIS A 247 3.91 20.25 -21.84
C HIS A 247 4.27 19.30 -20.69
N VAL A 248 5.32 18.51 -20.90
CA VAL A 248 5.94 17.76 -19.80
C VAL A 248 7.43 18.11 -19.77
N ASP A 249 7.87 18.75 -18.69
CA ASP A 249 9.22 19.27 -18.56
C ASP A 249 9.96 18.62 -17.37
N ASN A 250 11.28 18.76 -17.37
CA ASN A 250 12.12 18.37 -16.23
C ASN A 250 11.99 16.91 -15.80
N ASP A 251 11.72 16.01 -16.76
CA ASP A 251 11.55 14.60 -16.39
C ASP A 251 12.93 14.01 -16.06
N HIS A 252 13.12 13.57 -14.82
CA HIS A 252 14.42 13.07 -14.39
C HIS A 252 14.33 12.19 -13.16
N ILE A 253 15.39 11.44 -12.93
CA ILE A 253 15.46 10.57 -11.75
C ILE A 253 15.87 11.38 -10.53
N VAL A 254 15.10 11.22 -9.44
CA VAL A 254 15.37 11.86 -8.16
C VAL A 254 16.19 10.95 -7.22
N PHE A 255 15.83 9.66 -7.13
CA PHE A 255 16.43 8.76 -6.16
C PHE A 255 16.33 7.29 -6.57
N GLU A 256 17.42 6.54 -6.34
CA GLU A 256 17.50 5.12 -6.70
C GLU A 256 17.98 4.24 -5.53
N GLY A 257 18.04 4.82 -4.33
CA GLY A 257 18.63 4.12 -3.18
C GLY A 257 20.08 4.56 -2.97
N ASP A 258 20.52 4.49 -1.71
CA ASP A 258 21.85 4.94 -1.33
C ASP A 258 22.77 3.77 -0.98
N GLY A 259 22.17 2.62 -0.67
CA GLY A 259 22.92 1.41 -0.34
C GLY A 259 23.02 1.16 1.15
N TYR A 260 22.97 2.23 1.96
CA TYR A 260 23.02 2.06 3.42
C TYR A 260 21.60 2.03 4.01
N HIS A 261 20.86 3.12 3.87
CA HIS A 261 19.48 3.14 4.34
C HIS A 261 18.56 2.27 3.45
N TYR A 262 18.77 2.34 2.13
CA TYR A 262 17.87 1.68 1.16
C TYR A 262 18.67 0.91 0.14
N GLN A 263 18.18 -0.28 -0.17
CA GLN A 263 18.81 -1.18 -1.12
C GLN A 263 18.79 -0.62 -2.54
N THR A 264 19.93 -0.74 -3.23
CA THR A 264 20.05 -0.32 -4.62
C THR A 264 19.79 -1.50 -5.57
N TYR A 265 19.56 -1.18 -6.85
CA TYR A 265 19.40 -2.20 -7.86
C TYR A 265 20.64 -3.12 -7.96
N ASP A 266 21.83 -2.52 -7.94
CA ASP A 266 23.06 -3.31 -8.01
C ASP A 266 23.21 -4.26 -6.82
N GLN A 267 22.85 -3.80 -5.63
CA GLN A 267 22.88 -4.66 -4.44
C GLN A 267 21.90 -5.83 -4.61
N TRP A 268 20.70 -5.54 -5.08
CA TRP A 268 19.67 -6.55 -5.31
C TRP A 268 20.15 -7.61 -6.30
N LYS A 269 20.72 -7.14 -7.42
CA LYS A 269 21.26 -8.03 -8.46
C LYS A 269 22.33 -8.96 -7.89
N GLU A 270 23.20 -8.41 -7.03
CA GLU A 270 24.32 -9.14 -6.43
CA GLU A 270 24.32 -9.16 -6.44
C GLU A 270 23.88 -10.24 -5.45
N THR A 271 22.80 -9.99 -4.71
CA THR A 271 22.40 -11.00 -3.72
C THR A 271 21.30 -11.97 -4.17
N ASN A 272 20.52 -11.58 -5.19
CA ASN A 272 19.35 -12.37 -5.59
C ASN A 272 19.68 -13.80 -5.94
N LYS A 273 18.91 -14.72 -5.37
CA LYS A 273 18.94 -16.12 -5.81
C LYS A 273 17.63 -16.48 -6.53
N GLY A 274 16.82 -15.46 -6.82
CA GLY A 274 15.65 -15.63 -7.67
C GLY A 274 14.31 -15.34 -6.99
N ALA A 275 14.36 -15.00 -5.71
CA ALA A 275 13.16 -14.95 -4.90
C ALA A 275 13.15 -13.71 -4.01
N ASP A 276 13.98 -12.74 -4.38
CA ASP A 276 14.06 -11.51 -3.61
C ASP A 276 13.30 -10.44 -4.38
N ASN A 277 12.50 -9.66 -3.63
CA ASN A 277 11.76 -8.53 -4.18
C ASN A 277 12.65 -7.33 -4.40
N ILE A 278 12.29 -6.49 -5.36
CA ILE A 278 12.97 -5.23 -5.58
C ILE A 278 11.92 -4.13 -5.45
N ALA A 279 12.23 -3.08 -4.68
CA ALA A 279 11.32 -1.94 -4.51
C ALA A 279 12.01 -0.59 -4.41
N MET A 280 11.54 0.36 -5.20
CA MET A 280 11.94 1.75 -5.06
C MET A 280 10.83 2.54 -5.76
N ARG A 281 9.70 2.73 -5.06
CA ARG A 281 8.50 3.16 -5.78
C ARG A 281 7.51 3.87 -4.86
N ASP A 282 6.41 4.35 -5.45
CA ASP A 282 5.26 4.87 -4.68
C ASP A 282 5.62 6.10 -3.84
N ALA A 283 6.35 7.05 -4.42
CA ALA A 283 6.76 8.25 -3.68
C ALA A 283 5.56 9.14 -3.36
N HIS A 284 5.42 9.46 -2.07
CA HIS A 284 4.35 10.32 -1.61
C HIS A 284 4.94 11.64 -1.14
N VAL A 285 4.57 12.73 -1.80
CA VAL A 285 5.08 14.05 -1.42
C VAL A 285 4.37 14.63 -0.18
N ILE A 286 5.13 15.19 0.75
CA ILE A 286 4.57 15.87 1.91
C ILE A 286 5.50 16.99 2.32
N ASP A 287 4.94 18.15 2.68
CA ASP A 287 5.71 19.30 3.16
C ASP A 287 5.50 19.44 4.66
N ASP A 288 6.55 19.79 5.38
CA ASP A 288 6.38 20.16 6.80
C ASP A 288 5.96 21.63 6.95
N ASP A 289 5.75 22.07 8.18
CA ASP A 289 5.28 23.44 8.41
C ASP A 289 6.22 24.51 7.85
N ASN A 290 7.52 24.21 7.87
CA ASN A 290 8.55 25.11 7.36
C ASN A 290 8.68 25.06 5.82
N GLY A 291 7.88 24.20 5.20
CA GLY A 291 7.86 24.10 3.75
C GLY A 291 9.01 23.32 3.15
N ASN A 292 9.76 22.60 3.98
CA ASN A 292 10.67 21.57 3.47
C ASN A 292 9.80 20.50 2.84
N ARG A 293 10.29 19.95 1.72
CA ARG A 293 9.55 18.91 0.99
C ARG A 293 10.23 17.56 1.13
N TYR A 294 9.42 16.53 1.37
CA TYR A 294 9.90 15.16 1.54
C TYR A 294 9.18 14.23 0.58
N LEU A 295 9.82 13.11 0.25
CA LEU A 295 9.13 11.99 -0.38
C LEU A 295 9.19 10.81 0.57
N VAL A 296 8.03 10.19 0.79
CA VAL A 296 7.93 8.95 1.56
C VAL A 296 7.59 7.85 0.56
N PHE A 297 8.32 6.74 0.59
CA PHE A 297 8.27 5.78 -0.52
C PHE A 297 8.47 4.36 -0.04
N GLU A 298 8.13 3.41 -0.90
CA GLU A 298 8.38 2.00 -0.65
C GLU A 298 9.78 1.60 -1.13
N ALA A 299 10.52 0.90 -0.28
CA ALA A 299 11.85 0.43 -0.65
C ALA A 299 12.19 -0.84 0.12
N SER A 300 13.47 -1.22 0.15
CA SER A 300 13.95 -2.30 1.00
C SER A 300 15.16 -1.78 1.77
N THR A 301 15.42 -2.33 2.94
CA THR A 301 16.55 -1.86 3.74
C THR A 301 17.87 -2.14 3.06
N GLY A 302 18.82 -1.23 3.26
CA GLY A 302 20.18 -1.42 2.77
C GLY A 302 21.05 -2.03 3.86
N THR A 303 22.34 -1.75 3.80
CA THR A 303 23.30 -2.38 4.74
C THR A 303 23.16 -1.90 6.18
N GLU A 304 22.33 -0.86 6.39
CA GLU A 304 21.98 -0.45 7.75
C GLU A 304 21.30 -1.62 8.51
N ASN A 305 20.52 -2.41 7.77
CA ASN A 305 19.85 -3.58 8.34
C ASN A 305 19.41 -4.54 7.22
N TYR A 306 20.40 -5.21 6.64
CA TYR A 306 20.19 -5.90 5.37
C TYR A 306 19.49 -7.24 5.56
N GLN A 307 18.76 -7.67 4.53
CA GLN A 307 18.15 -8.99 4.56
C GLN A 307 19.23 -10.07 4.71
N GLY A 308 18.80 -11.26 5.12
CA GLY A 308 19.70 -12.41 5.12
C GLY A 308 19.35 -13.39 6.20
N ASP A 309 20.05 -14.51 6.21
CA ASP A 309 19.87 -15.53 7.22
C ASP A 309 19.99 -14.94 8.63
N ASP A 310 20.87 -13.95 8.79
CA ASP A 310 21.14 -13.37 10.11
C ASP A 310 19.87 -12.79 10.74
N GLN A 311 18.90 -12.38 9.91
CA GLN A 311 17.69 -11.76 10.43
C GLN A 311 16.87 -12.71 11.29
N ILE A 312 16.91 -13.99 10.97
CA ILE A 312 16.21 -15.00 11.77
C ILE A 312 16.67 -15.00 13.24
N TYR A 313 17.91 -14.59 13.49
CA TYR A 313 18.49 -14.62 14.81
C TYR A 313 18.37 -13.28 15.55
N GLN A 314 17.70 -12.30 14.95
CA GLN A 314 17.56 -11.00 15.64
C GLN A 314 16.27 -10.98 16.46
N TRP A 315 16.38 -11.14 17.78
CA TRP A 315 15.20 -11.24 18.66
C TRP A 315 14.22 -10.07 18.49
N LEU A 316 14.74 -8.88 18.22
CA LEU A 316 13.93 -7.67 18.02
CA LEU A 316 13.87 -7.71 18.10
C LEU A 316 12.89 -7.82 16.92
N ASN A 317 13.18 -8.72 15.98
CA ASN A 317 12.26 -8.90 14.84
C ASN A 317 10.97 -9.63 15.21
N TYR A 318 10.98 -10.27 16.39
CA TYR A 318 9.90 -11.18 16.74
C TYR A 318 8.73 -10.43 17.35
N GLY A 319 9.01 -9.62 18.37
CA GLY A 319 8.02 -8.63 18.85
C GLY A 319 6.86 -9.13 19.69
N GLY A 320 6.94 -10.36 20.18
CA GLY A 320 5.95 -10.88 21.11
C GLY A 320 6.57 -11.02 22.51
N THR A 321 5.90 -11.79 23.37
CA THR A 321 6.49 -12.19 24.66
C THR A 321 7.72 -13.04 24.39
N ASN A 322 8.61 -13.14 25.36
CA ASN A 322 9.78 -14.00 25.16
C ASN A 322 9.36 -15.42 24.80
N LYS A 323 8.30 -15.90 25.45
CA LYS A 323 7.76 -17.24 25.18
C LYS A 323 7.22 -17.39 23.74
N ASP A 324 6.43 -16.41 23.29
CA ASP A 324 5.92 -16.39 21.89
C ASP A 324 7.06 -16.41 20.89
N ASN A 325 8.07 -15.56 21.16
CA ASN A 325 9.21 -15.41 20.27
C ASN A 325 9.95 -16.72 20.12
N LEU A 326 10.14 -17.43 21.24
CA LEU A 326 10.82 -18.72 21.22
C LEU A 326 10.11 -19.72 20.31
N GLY A 327 8.78 -19.78 20.43
CA GLY A 327 7.96 -20.61 19.54
C GLY A 327 8.08 -20.23 18.07
N ASP A 328 8.06 -18.92 17.79
CA ASP A 328 8.23 -18.39 16.42
C ASP A 328 9.57 -18.76 15.81
N PHE A 329 10.63 -18.61 16.61
CA PHE A 329 12.00 -18.95 16.21
C PHE A 329 12.06 -20.39 15.69
N PHE A 330 11.51 -21.33 16.46
CA PHE A 330 11.48 -22.73 16.02
C PHE A 330 10.55 -23.02 14.85
N GLN A 331 9.48 -22.25 14.72
CA GLN A 331 8.58 -22.36 13.55
C GLN A 331 9.33 -21.98 12.28
N ILE A 332 10.05 -20.87 12.33
CA ILE A 332 10.78 -20.39 11.17
C ILE A 332 11.85 -21.39 10.75
N LEU A 333 12.67 -21.83 11.71
CA LEU A 333 13.77 -22.75 11.39
C LEU A 333 13.33 -24.12 10.88
N SER A 334 12.13 -24.56 11.25
CA SER A 334 11.69 -25.91 10.94
C SER A 334 10.89 -26.01 9.63
N ASN A 335 10.54 -24.87 9.06
CA ASN A 335 9.75 -24.83 7.84
C ASN A 335 10.52 -24.14 6.74
N SER A 336 10.92 -24.91 5.74
CA SER A 336 11.82 -24.41 4.72
C SER A 336 11.31 -23.19 3.95
N ASP A 337 10.01 -23.14 3.62
CA ASP A 337 9.53 -21.96 2.90
C ASP A 337 9.47 -20.72 3.78
N ILE A 338 9.04 -20.88 5.04
CA ILE A 338 9.02 -19.73 5.95
C ILE A 338 10.46 -19.22 6.17
N LYS A 339 11.38 -20.15 6.41
CA LYS A 339 12.79 -19.80 6.57
C LYS A 339 13.33 -19.06 5.34
N ASP A 340 13.08 -19.60 4.14
CA ASP A 340 13.49 -18.93 2.89
C ASP A 340 12.93 -17.51 2.84
N ARG A 341 11.63 -17.35 3.05
CA ARG A 341 11.01 -16.03 3.00
C ARG A 341 11.62 -15.09 4.04
N ALA A 342 11.86 -15.60 5.24
CA ALA A 342 12.45 -14.80 6.32
C ALA A 342 13.81 -14.24 5.91
N LYS A 343 14.59 -15.05 5.18
CA LYS A 343 15.94 -14.60 4.79
C LYS A 343 15.91 -13.50 3.76
N TRP A 344 14.81 -13.37 3.03
CA TRP A 344 14.71 -12.39 1.97
C TRP A 344 13.83 -11.18 2.32
N SER A 345 13.06 -11.26 3.39
CA SER A 345 12.11 -10.20 3.74
C SER A 345 12.80 -8.99 4.34
N ASN A 346 12.62 -7.82 3.72
CA ASN A 346 13.18 -6.58 4.28
C ASN A 346 12.53 -5.33 3.71
N ALA A 347 11.21 -5.36 3.63
CA ALA A 347 10.46 -4.18 3.19
C ALA A 347 10.72 -2.99 4.10
N ALA A 348 10.71 -1.80 3.50
CA ALA A 348 10.84 -0.57 4.24
C ALA A 348 9.95 0.51 3.65
N ILE A 349 9.51 1.41 4.52
CA ILE A 349 8.95 2.68 4.07
C ILE A 349 9.99 3.72 4.40
N GLY A 350 10.52 4.35 3.36
CA GLY A 350 11.62 5.29 3.50
C GLY A 350 11.17 6.74 3.43
N ILE A 351 12.08 7.64 3.77
CA ILE A 351 11.83 9.07 3.61
C ILE A 351 13.13 9.75 3.18
N ILE A 352 13.00 10.67 2.23
CA ILE A 352 14.09 11.56 1.85
C ILE A 352 13.60 13.01 1.90
N LYS A 353 14.49 13.95 2.22
CA LYS A 353 14.16 15.36 2.07
C LYS A 353 14.68 15.82 0.71
N LEU A 354 13.87 16.62 0.00
CA LEU A 354 14.31 17.20 -1.27
C LEU A 354 14.95 18.56 -1.06
N ASN A 355 15.74 19.00 -2.04
CA ASN A 355 16.22 20.38 -2.02
C ASN A 355 15.09 21.34 -2.40
N ASP A 356 15.41 22.62 -2.55
CA ASP A 356 14.37 23.64 -2.77
C ASP A 356 14.09 23.93 -4.24
N ASP A 357 14.65 23.12 -5.15
CA ASP A 357 14.45 23.31 -6.59
C ASP A 357 13.16 22.57 -6.92
N VAL A 358 12.02 23.25 -6.76
CA VAL A 358 10.74 22.53 -6.78
C VAL A 358 10.48 21.80 -8.11
N LYS A 359 10.72 22.47 -9.22
CA LYS A 359 10.46 21.85 -10.53
C LYS A 359 11.51 20.85 -10.98
N ASN A 360 12.69 20.88 -10.38
CA ASN A 360 13.78 19.99 -10.76
C ASN A 360 14.52 19.47 -9.52
N PRO A 361 13.82 18.70 -8.66
CA PRO A 361 14.40 18.39 -7.35
C PRO A 361 15.56 17.41 -7.36
N SER A 362 16.47 17.62 -6.41
CA SER A 362 17.48 16.64 -6.08
C SER A 362 17.31 16.27 -4.60
N VAL A 363 17.93 15.16 -4.19
CA VAL A 363 17.86 14.74 -2.79
C VAL A 363 18.78 15.56 -1.90
N ALA A 364 18.25 16.06 -0.78
CA ALA A 364 19.05 16.83 0.20
C ALA A 364 19.52 15.97 1.37
N LYS A 365 18.70 14.99 1.76
CA LYS A 365 19.00 14.17 2.94
C LYS A 365 18.28 12.84 2.82
N VAL A 366 18.99 11.77 3.17
CA VAL A 366 18.43 10.44 3.19
C VAL A 366 18.32 10.02 4.64
N TYR A 367 17.13 9.59 5.07
CA TYR A 367 16.91 9.16 6.45
C TYR A 367 16.82 7.64 6.57
N SER A 368 16.99 7.14 7.79
CA SER A 368 16.63 5.76 8.10
C SER A 368 15.15 5.52 7.81
N PRO A 369 14.77 4.27 7.52
CA PRO A 369 13.35 3.98 7.26
C PRO A 369 12.45 4.39 8.42
N LEU A 370 11.24 4.82 8.09
CA LEU A 370 10.22 5.12 9.07
C LEU A 370 9.67 3.83 9.66
N ILE A 371 9.40 2.87 8.76
CA ILE A 371 8.94 1.53 9.09
C ILE A 371 9.77 0.51 8.34
N SER A 372 10.00 -0.65 8.94
CA SER A 372 10.61 -1.74 8.18
C SER A 372 10.06 -3.07 8.66
N ALA A 373 10.21 -4.11 7.83
CA ALA A 373 9.71 -5.44 8.17
C ALA A 373 10.77 -6.52 7.94
N PRO A 374 12.00 -6.33 8.46
CA PRO A 374 13.00 -7.38 8.27
C PRO A 374 12.48 -8.69 8.85
N MET A 375 12.70 -9.80 8.13
CA MET A 375 12.28 -11.15 8.56
C MET A 375 10.78 -11.40 8.36
N VAL A 376 10.00 -10.35 8.05
CA VAL A 376 8.54 -10.42 8.17
C VAL A 376 7.78 -10.24 6.85
N SER A 377 8.15 -9.24 6.07
CA SER A 377 7.49 -9.06 4.77
C SER A 377 8.43 -8.43 3.79
N ASP A 378 8.25 -8.72 2.51
CA ASP A 378 9.05 -8.12 1.47
CA ASP A 378 9.07 -8.07 1.50
C ASP A 378 8.24 -7.14 0.62
N GLU A 379 7.02 -6.80 1.07
CA GLU A 379 6.20 -5.82 0.34
C GLU A 379 5.20 -5.02 1.19
N ILE A 380 5.45 -3.72 1.30
CA ILE A 380 4.53 -2.78 1.94
C ILE A 380 4.42 -1.59 0.98
N GLU A 381 3.21 -1.32 0.48
CA GLU A 381 3.05 -0.45 -0.69
C GLU A 381 2.27 0.84 -0.41
N ARG A 382 2.34 1.77 -1.37
CA ARG A 382 1.50 2.96 -1.31
CA ARG A 382 1.59 3.03 -1.33
C ARG A 382 1.54 3.74 0.03
N PRO A 383 2.74 4.05 0.54
CA PRO A 383 2.73 4.79 1.80
C PRO A 383 2.06 6.16 1.64
N ASP A 384 1.37 6.61 2.68
CA ASP A 384 0.58 7.81 2.60
C ASP A 384 0.67 8.48 3.94
N VAL A 385 1.29 9.66 4.00
CA VAL A 385 1.36 10.45 5.23
C VAL A 385 0.39 11.63 5.14
N VAL A 386 -0.44 11.74 6.18
CA VAL A 386 -1.37 12.85 6.33
CA VAL A 386 -1.41 12.84 6.35
C VAL A 386 -1.18 13.50 7.70
N LYS A 387 -1.18 14.82 7.72
CA LYS A 387 -1.05 15.53 8.98
C LYS A 387 -2.46 15.81 9.48
N LEU A 388 -2.75 15.39 10.71
CA LEU A 388 -4.03 15.68 11.34
C LEU A 388 -3.73 16.29 12.68
N GLY A 389 -4.23 17.50 12.90
CA GLY A 389 -3.82 18.29 14.06
C GLY A 389 -2.32 18.49 13.96
N ASN A 390 -1.61 18.12 15.01
CA ASN A 390 -0.16 18.27 15.06
CA ASN A 390 -0.15 18.27 15.06
C ASN A 390 0.57 16.93 15.00
N LYS A 391 -0.10 15.92 14.44
CA LYS A 391 0.51 14.59 14.34
C LYS A 391 0.55 14.12 12.91
N TYR A 392 1.51 13.26 12.60
CA TYR A 392 1.63 12.68 11.27
C TYR A 392 1.17 11.24 11.28
N TYR A 393 0.24 10.91 10.39
CA TYR A 393 -0.29 9.55 10.27
C TYR A 393 0.24 8.92 9.01
N LEU A 394 0.83 7.74 9.15
CA LEU A 394 1.45 7.05 8.02
C LEU A 394 0.68 5.77 7.81
N PHE A 395 0.13 5.59 6.62
CA PHE A 395 -0.61 4.38 6.27
C PHE A 395 0.06 3.72 5.08
N ALA A 396 -0.17 2.42 4.93
CA ALA A 396 0.35 1.66 3.77
C ALA A 396 -0.56 0.47 3.50
N ALA A 397 -0.58 0.05 2.23
CA ALA A 397 -1.32 -1.16 1.84
C ALA A 397 -0.36 -2.33 1.79
N THR A 398 -0.86 -3.54 2.12
CA THR A 398 0.00 -4.70 1.98
C THR A 398 -0.84 -5.93 1.65
N ARG A 399 -0.23 -6.88 0.95
CA ARG A 399 -0.84 -8.18 0.73
CA ARG A 399 -0.85 -8.19 0.77
C ARG A 399 -0.10 -9.11 1.70
N LEU A 400 -0.83 -9.70 2.66
CA LEU A 400 -0.19 -10.53 3.66
C LEU A 400 0.45 -11.77 3.08
N ASN A 401 -0.01 -12.20 1.89
CA ASN A 401 0.67 -13.31 1.21
C ASN A 401 2.08 -13.03 0.72
N ARG A 402 2.56 -11.80 0.91
CA ARG A 402 3.98 -11.50 0.70
C ARG A 402 4.78 -11.60 1.99
N GLY A 403 4.12 -11.99 3.07
CA GLY A 403 4.80 -12.17 4.35
C GLY A 403 5.46 -13.52 4.46
N SER A 404 6.39 -13.62 5.41
CA SER A 404 7.14 -14.85 5.60
C SER A 404 6.33 -15.95 6.28
N ASN A 405 5.37 -15.56 7.12
CA ASN A 405 4.62 -16.53 7.91
C ASN A 405 3.48 -17.14 7.10
N ASP A 406 3.80 -18.18 6.33
CA ASP A 406 2.83 -18.85 5.45
C ASP A 406 1.60 -19.31 6.22
N ASP A 407 1.79 -19.82 7.43
CA ASP A 407 0.64 -20.33 8.19
C ASP A 407 -0.36 -19.20 8.50
N ALA A 408 0.17 -18.02 8.82
CA ALA A 408 -0.68 -16.86 9.13
C ALA A 408 -1.44 -16.35 7.91
N TRP A 409 -0.73 -16.11 6.80
CA TRP A 409 -1.46 -15.61 5.64
C TRP A 409 -2.34 -16.65 4.95
N MET A 410 -1.95 -17.93 5.01
CA MET A 410 -2.84 -18.96 4.49
C MET A 410 -4.16 -19.03 5.28
N ALA A 411 -4.09 -18.78 6.59
CA ALA A 411 -5.29 -18.74 7.44
C ALA A 411 -6.22 -17.59 7.02
N THR A 412 -5.66 -16.46 6.57
CA THR A 412 -6.53 -15.35 6.13
C THR A 412 -7.31 -15.73 4.85
N ASN A 413 -6.62 -16.39 3.91
CA ASN A 413 -7.30 -16.85 2.70
C ASN A 413 -8.41 -17.84 3.06
N LYS A 414 -8.16 -18.70 4.04
CA LYS A 414 -9.17 -19.69 4.43
C LYS A 414 -10.40 -19.01 5.05
N ALA A 415 -10.20 -17.89 5.74
CA ALA A 415 -11.31 -17.22 6.42
C ALA A 415 -12.12 -16.34 5.48
N VAL A 416 -11.41 -15.54 4.67
CA VAL A 416 -12.04 -14.46 3.89
C VAL A 416 -11.86 -14.64 2.37
N GLY A 417 -10.87 -15.41 1.95
CA GLY A 417 -10.60 -15.58 0.52
C GLY A 417 -9.70 -14.48 -0.02
N ASP A 418 -9.14 -13.67 0.88
CA ASP A 418 -8.16 -12.65 0.51
C ASP A 418 -7.30 -12.30 1.72
N ASN A 419 -6.21 -11.58 1.48
CA ASN A 419 -5.20 -11.39 2.52
C ASN A 419 -4.70 -9.93 2.56
N VAL A 420 -5.48 -9.02 1.98
CA VAL A 420 -5.07 -7.61 1.92
C VAL A 420 -5.37 -6.85 3.22
N ALA A 421 -4.57 -5.84 3.50
CA ALA A 421 -4.76 -5.02 4.69
C ALA A 421 -4.27 -3.60 4.44
N MET A 422 -4.73 -2.65 5.26
CA MET A 422 -4.05 -1.36 5.35
C MET A 422 -3.48 -1.30 6.77
N ILE A 423 -2.22 -0.88 6.88
CA ILE A 423 -1.58 -0.71 8.18
C ILE A 423 -1.36 0.78 8.44
N GLY A 424 -1.11 1.14 9.69
CA GLY A 424 -0.99 2.55 10.02
C GLY A 424 -0.23 2.82 11.30
N TYR A 425 0.36 4.02 11.35
CA TYR A 425 1.28 4.44 12.41
C TYR A 425 1.08 5.93 12.61
N VAL A 426 1.50 6.41 13.78
CA VAL A 426 1.37 7.83 14.09
C VAL A 426 2.63 8.36 14.78
N SER A 427 3.01 9.58 14.45
CA SER A 427 4.18 10.20 15.10
C SER A 427 3.97 11.68 15.36
N ASP A 428 4.65 12.19 16.37
CA ASP A 428 4.72 13.63 16.60
C ASP A 428 5.63 14.31 15.58
N ASN A 429 6.47 13.53 14.91
CA ASN A 429 7.48 14.09 14.03
C ASN A 429 7.41 13.39 12.69
N LEU A 430 7.68 14.14 11.62
CA LEU A 430 7.55 13.58 10.29
C LEU A 430 8.58 12.47 10.00
N THR A 431 9.82 12.67 10.45
CA THR A 431 10.92 11.85 9.92
C THR A 431 11.33 10.69 10.81
N HIS A 432 10.64 10.52 11.93
CA HIS A 432 10.98 9.46 12.87
C HIS A 432 9.92 9.34 13.95
N GLY A 433 9.97 8.25 14.71
CA GLY A 433 9.19 8.12 15.95
C GLY A 433 7.79 7.54 15.82
N TYR A 434 7.53 6.81 14.73
CA TYR A 434 6.19 6.28 14.48
C TYR A 434 5.78 5.17 15.44
N VAL A 435 4.53 5.22 15.89
CA VAL A 435 3.94 4.27 16.80
C VAL A 435 2.80 3.56 16.06
N PRO A 436 2.71 2.22 16.17
CA PRO A 436 1.63 1.52 15.43
C PRO A 436 0.24 1.84 15.99
N LEU A 437 -0.70 2.04 15.09
CA LEU A 437 -2.10 2.23 15.46
C LEU A 437 -2.73 0.87 15.83
N ASN A 438 -3.73 0.89 16.71
CA ASN A 438 -4.48 -0.34 17.08
C ASN A 438 -3.54 -1.47 17.53
N GLU A 439 -2.51 -1.07 18.27
CA GLU A 439 -1.47 -1.94 18.85
C GLU A 439 -0.53 -2.56 17.81
N SER A 440 -1.08 -3.32 16.87
CA SER A 440 -0.25 -4.09 15.93
C SER A 440 0.11 -3.34 14.64
N GLY A 441 -0.59 -2.24 14.39
CA GLY A 441 -0.50 -1.54 13.11
C GLY A 441 -1.69 -1.78 12.21
N VAL A 442 -2.55 -2.73 12.55
CA VAL A 442 -3.73 -3.01 11.69
C VAL A 442 -4.64 -1.78 11.64
N VAL A 443 -5.18 -1.48 10.45
CA VAL A 443 -6.19 -0.41 10.33
C VAL A 443 -7.37 -0.95 9.51
N LEU A 444 -7.09 -1.54 8.35
CA LEU A 444 -8.17 -2.14 7.54
C LEU A 444 -7.85 -3.58 7.20
N THR A 445 -8.87 -4.43 7.08
CA THR A 445 -8.64 -5.84 6.75
C THR A 445 -9.62 -6.31 5.68
N ALA A 446 -9.16 -7.19 4.80
CA ALA A 446 -9.98 -7.77 3.71
C ALA A 446 -11.29 -8.36 4.24
N SER A 447 -12.38 -8.19 3.48
CA SER A 447 -13.68 -8.70 3.93
C SER A 447 -14.39 -9.60 2.90
N VAL A 448 -13.87 -9.68 1.67
CA VAL A 448 -14.45 -10.56 0.65
C VAL A 448 -13.35 -11.25 -0.17
N PRO A 449 -13.70 -12.35 -0.87
CA PRO A 449 -12.68 -13.09 -1.63
C PRO A 449 -12.05 -12.26 -2.73
N ALA A 450 -10.79 -12.58 -3.03
CA ALA A 450 -10.00 -11.78 -3.99
C ALA A 450 -10.57 -11.80 -5.40
N ASN A 451 -11.35 -12.83 -5.74
CA ASN A 451 -11.92 -12.92 -7.09
C ASN A 451 -13.39 -12.48 -7.18
N TRP A 452 -13.86 -11.75 -6.19
CA TRP A 452 -15.19 -11.14 -6.30
C TRP A 452 -15.09 -9.73 -6.90
N ARG A 453 -16.16 -9.31 -7.55
CA ARG A 453 -16.27 -7.93 -8.05
C ARG A 453 -15.90 -6.89 -6.98
N THR A 454 -16.30 -7.15 -5.75
CA THR A 454 -16.11 -6.14 -4.69
C THR A 454 -14.82 -6.25 -3.87
N ALA A 455 -13.89 -7.13 -4.28
CA ALA A 455 -12.53 -7.12 -3.67
C ALA A 455 -11.87 -5.76 -3.92
N THR A 456 -11.07 -5.28 -2.97
CA THR A 456 -10.40 -3.98 -3.12
C THR A 456 -8.90 -4.11 -2.85
N TYR A 457 -8.16 -3.10 -3.29
CA TYR A 457 -6.76 -2.98 -2.90
C TYR A 457 -6.29 -1.53 -3.11
N SER A 458 -5.05 -1.26 -2.70
CA SER A 458 -4.42 0.06 -2.92
CA SER A 458 -4.41 0.05 -2.89
C SER A 458 -5.15 1.18 -2.17
N TYR A 459 -5.51 0.90 -0.93
CA TYR A 459 -6.13 1.88 -0.02
C TYR A 459 -5.26 3.13 0.05
N TYR A 460 -5.90 4.30 -0.02
CA TYR A 460 -5.20 5.56 0.02
C TYR A 460 -6.09 6.58 0.69
N ALA A 461 -5.64 7.06 1.85
CA ALA A 461 -6.41 7.97 2.67
C ALA A 461 -6.24 9.39 2.19
N VAL A 462 -7.35 10.12 2.13
CA VAL A 462 -7.35 11.52 1.72
C VAL A 462 -8.02 12.31 2.84
N PRO A 463 -7.41 13.42 3.27
CA PRO A 463 -8.03 14.25 4.30
C PRO A 463 -9.33 14.91 3.83
N VAL A 464 -10.14 15.31 4.80
CA VAL A 464 -11.45 15.91 4.55
C VAL A 464 -11.47 17.29 5.20
N GLU A 465 -11.67 18.32 4.39
CA GLU A 465 -11.74 19.69 4.90
C GLU A 465 -12.90 19.81 5.87
N GLY A 466 -12.65 20.40 7.03
CA GLY A 466 -13.68 20.59 8.04
C GLY A 466 -14.00 19.38 8.90
N ARG A 467 -13.21 18.31 8.75
CA ARG A 467 -13.32 17.11 9.61
C ARG A 467 -11.89 16.65 9.94
N ASP A 468 -11.28 17.27 10.94
CA ASP A 468 -9.88 17.00 11.27
C ASP A 468 -9.60 15.68 11.98
N ASP A 469 -10.64 14.86 12.18
CA ASP A 469 -10.47 13.58 12.88
C ASP A 469 -10.91 12.39 12.00
N GLN A 470 -11.08 12.64 10.70
CA GLN A 470 -11.52 11.59 9.78
C GLN A 470 -10.71 11.64 8.49
N LEU A 471 -10.69 10.51 7.79
CA LEU A 471 -10.03 10.43 6.50
C LEU A 471 -10.97 9.71 5.56
N LEU A 472 -10.89 10.06 4.28
CA LEU A 472 -11.69 9.38 3.28
C LEU A 472 -10.78 8.31 2.67
N ILE A 473 -11.20 7.06 2.75
CA ILE A 473 -10.40 5.94 2.21
C ILE A 473 -10.83 5.63 0.79
N THR A 474 -9.91 5.85 -0.15
CA THR A 474 -10.14 5.54 -1.56
C THR A 474 -9.42 4.24 -1.87
N SER A 475 -9.86 3.54 -2.91
CA SER A 475 -9.19 2.30 -3.31
C SER A 475 -9.62 1.96 -4.73
N TYR A 476 -9.02 0.92 -5.31
CA TYR A 476 -9.64 0.35 -6.49
C TYR A 476 -10.36 -0.92 -6.11
N ILE A 477 -11.40 -1.21 -6.88
CA ILE A 477 -12.28 -2.32 -6.65
C ILE A 477 -12.28 -3.19 -7.91
N THR A 478 -12.37 -4.50 -7.68
CA THR A 478 -12.15 -5.56 -8.67
C THR A 478 -10.67 -5.74 -8.95
N ASN A 479 -10.16 -6.94 -8.70
CA ASN A 479 -8.76 -7.20 -9.04
C ASN A 479 -8.50 -7.24 -10.55
N ARG A 480 -7.26 -6.94 -10.90
CA ARG A 480 -6.83 -6.82 -12.29
C ARG A 480 -6.84 -8.15 -13.01
N GLY A 481 -6.79 -8.09 -14.33
CA GLY A 481 -6.54 -9.29 -15.15
C GLY A 481 -7.71 -10.25 -15.21
N GLU A 482 -8.92 -9.72 -15.06
CA GLU A 482 -10.17 -10.50 -15.28
C GLU A 482 -10.38 -11.68 -14.32
N VAL A 483 -9.74 -11.59 -13.16
CA VAL A 483 -9.89 -12.67 -12.15
C VAL A 483 -11.34 -12.78 -11.63
N ALA A 484 -12.10 -11.69 -11.67
CA ALA A 484 -13.53 -11.72 -11.30
C ALA A 484 -14.42 -12.04 -12.51
N GLY A 485 -13.80 -12.20 -13.67
CA GLY A 485 -14.53 -12.57 -14.88
C GLY A 485 -14.26 -11.58 -16.00
N LYS A 486 -14.38 -12.06 -17.23
CA LYS A 486 -14.20 -11.22 -18.40
C LYS A 486 -15.17 -10.03 -18.31
N GLY A 487 -14.67 -8.85 -18.65
CA GLY A 487 -15.48 -7.63 -18.57
C GLY A 487 -15.60 -7.00 -17.20
N MET A 488 -15.08 -7.68 -16.17
CA MET A 488 -15.06 -7.10 -14.81
C MET A 488 -13.68 -6.49 -14.62
N HIS A 489 -13.63 -5.17 -14.80
CA HIS A 489 -12.35 -4.48 -14.78
C HIS A 489 -12.09 -3.79 -13.45
N ALA A 490 -10.82 -3.70 -13.08
CA ALA A 490 -10.41 -2.84 -12.00
C ALA A 490 -10.94 -1.44 -12.24
N THR A 491 -11.53 -0.85 -11.21
CA THR A 491 -12.21 0.42 -11.38
C THR A 491 -12.15 1.15 -10.04
N TRP A 492 -12.59 2.41 -9.97
CA TRP A 492 -12.51 3.11 -8.69
C TRP A 492 -13.60 2.66 -7.72
N ALA A 493 -13.19 2.37 -6.48
CA ALA A 493 -14.12 1.91 -5.47
C ALA A 493 -15.00 3.05 -4.95
N PRO A 494 -16.18 2.73 -4.40
CA PRO A 494 -16.81 3.69 -3.51
C PRO A 494 -15.83 4.01 -2.38
N SER A 495 -15.76 5.28 -1.97
CA SER A 495 -14.90 5.65 -0.85
C SER A 495 -15.66 5.54 0.48
N PHE A 496 -14.93 5.42 1.58
CA PHE A 496 -15.61 5.38 2.87
C PHE A 496 -14.82 6.12 3.93
N LEU A 497 -15.51 6.61 4.97
CA LEU A 497 -14.82 7.36 6.01
C LEU A 497 -14.22 6.48 7.08
N LEU A 498 -13.04 6.89 7.55
CA LEU A 498 -12.34 6.24 8.66
C LEU A 498 -12.19 7.25 9.78
N GLN A 499 -12.57 6.86 10.99
CA GLN A 499 -12.45 7.73 12.15
C GLN A 499 -11.06 7.53 12.77
N ILE A 500 -10.38 8.63 13.05
CA ILE A 500 -9.09 8.60 13.73
C ILE A 500 -9.31 9.03 15.16
N ASN A 501 -8.91 8.19 16.12
CA ASN A 501 -9.09 8.51 17.54
C ASN A 501 -7.78 8.97 18.17
N PRO A 502 -7.83 9.99 19.06
CA PRO A 502 -6.57 10.45 19.69
C PRO A 502 -5.83 9.40 20.52
N ASP A 503 -6.51 8.33 20.93
CA ASP A 503 -5.84 7.26 21.69
C ASP A 503 -5.14 6.25 20.78
N ASN A 504 -4.78 6.65 19.56
CA ASN A 504 -4.00 5.81 18.64
C ASN A 504 -4.75 4.57 18.18
N THR A 505 -6.05 4.74 17.98
CA THR A 505 -6.91 3.71 17.38
C THR A 505 -7.69 4.33 16.24
N THR A 506 -8.32 3.46 15.46
CA THR A 506 -9.16 3.88 14.33
C THR A 506 -10.42 3.03 14.29
N THR A 507 -11.41 3.54 13.57
CA THR A 507 -12.61 2.77 13.32
CA THR A 507 -12.71 2.90 13.42
C THR A 507 -13.27 3.14 12.02
N VAL A 508 -13.60 2.08 11.28
CA VAL A 508 -14.35 2.23 10.02
C VAL A 508 -15.73 2.84 10.33
N LEU A 509 -16.15 3.83 9.55
CA LEU A 509 -17.48 4.40 9.72
C LEU A 509 -18.45 3.91 8.64
N ALA A 510 -19.74 4.01 8.92
CA ALA A 510 -20.80 3.57 7.99
C ALA A 510 -21.19 4.73 7.09
N LYS A 511 -20.20 5.32 6.45
CA LYS A 511 -20.40 6.45 5.56
C LYS A 511 -19.68 6.07 4.27
N MET A 512 -20.37 6.16 3.14
CA MET A 512 -19.83 5.67 1.88
C MET A 512 -20.26 6.61 0.75
N THR A 513 -19.46 6.66 -0.31
CA THR A 513 -19.71 7.57 -1.43
C THR A 513 -20.00 6.81 -2.72
N ASN A 514 -20.32 7.54 -3.78
CA ASN A 514 -20.23 7.04 -5.16
C ASN A 514 -18.84 6.49 -5.48
N GLN A 515 -18.76 5.64 -6.49
CA GLN A 515 -17.43 5.24 -6.99
C GLN A 515 -16.62 6.48 -7.34
N GLY A 516 -15.34 6.47 -6.98
CA GLY A 516 -14.43 7.50 -7.48
C GLY A 516 -14.60 8.89 -6.89
N ASP A 517 -15.22 8.97 -5.72
CA ASP A 517 -15.36 10.25 -5.04
C ASP A 517 -14.14 10.42 -4.12
N TRP A 518 -13.26 11.36 -4.48
CA TRP A 518 -12.03 11.67 -3.74
C TRP A 518 -12.24 12.79 -2.72
N ILE A 519 -13.38 13.45 -2.81
CA ILE A 519 -13.69 14.62 -1.99
C ILE A 519 -14.95 14.33 -1.18
N TRP A 520 -14.84 14.35 0.14
CA TRP A 520 -16.04 14.26 0.97
C TRP A 520 -16.67 15.64 1.06
N ASP A 521 -17.82 15.80 0.42
CA ASP A 521 -18.55 17.06 0.38
C ASP A 521 -19.98 16.83 0.89
N ASP A 522 -20.79 17.89 0.91
CA ASP A 522 -22.14 17.87 1.49
CA ASP A 522 -22.09 17.77 1.57
C ASP A 522 -23.11 16.87 0.85
N SER A 523 -22.81 16.44 -0.37
CA SER A 523 -23.68 15.50 -1.06
C SER A 523 -23.03 14.13 -1.34
N SER A 524 -21.89 13.88 -0.71
CA SER A 524 -21.13 12.64 -0.96
C SER A 524 -21.80 11.35 -0.48
N GLU A 525 -22.46 11.41 0.68
CA GLU A 525 -23.00 10.21 1.27
C GLU A 525 -24.00 9.53 0.34
N ASN A 526 -23.79 8.24 0.06
CA ASN A 526 -24.71 7.47 -0.76
C ASN A 526 -24.92 6.09 -0.17
N PRO A 527 -25.97 5.93 0.65
CA PRO A 527 -26.18 4.63 1.32
C PRO A 527 -26.50 3.48 0.37
N ASP A 528 -26.94 3.77 -0.85
CA ASP A 528 -27.21 2.72 -1.85
C ASP A 528 -25.95 1.94 -2.25
N MET A 529 -24.77 2.50 -1.96
CA MET A 529 -23.54 1.82 -2.36
C MET A 529 -23.15 0.75 -1.35
N MET A 530 -23.82 0.75 -0.19
CA MET A 530 -23.46 -0.19 0.86
C MET A 530 -23.96 -1.58 0.52
N GLY A 531 -23.14 -2.58 0.81
CA GLY A 531 -23.51 -3.97 0.56
C GLY A 531 -23.84 -4.74 1.83
N VAL A 532 -24.36 -5.94 1.65
CA VAL A 532 -24.65 -6.84 2.76
C VAL A 532 -24.16 -8.25 2.45
N LEU A 533 -23.92 -9.00 3.52
CA LEU A 533 -23.51 -10.39 3.44
C LEU A 533 -24.74 -11.31 3.36
N GLU A 534 -25.39 -11.29 2.21
CA GLU A 534 -26.60 -12.08 1.97
C GLU A 534 -26.56 -12.47 0.50
N LYS A 535 -26.77 -13.74 0.21
CA LYS A 535 -26.61 -14.26 -1.16
C LYS A 535 -27.51 -13.55 -2.18
N ASP A 536 -28.78 -13.42 -1.85
CA ASP A 536 -29.78 -12.96 -2.82
C ASP A 536 -30.33 -11.55 -2.59
N ALA A 537 -29.75 -10.82 -1.65
CA ALA A 537 -30.16 -9.43 -1.42
C ALA A 537 -29.80 -8.61 -2.66
N PRO A 538 -30.66 -7.65 -3.04
CA PRO A 538 -30.29 -6.85 -4.21
C PRO A 538 -28.97 -6.11 -4.02
N ASN A 539 -28.64 -5.77 -2.77
CA ASN A 539 -27.39 -5.09 -2.44
C ASN A 539 -26.32 -6.05 -1.89
N SER A 540 -26.42 -7.33 -2.28
CA SER A 540 -25.38 -8.30 -1.92
C SER A 540 -23.97 -7.81 -2.26
N ALA A 541 -23.02 -8.18 -1.39
CA ALA A 541 -21.58 -7.98 -1.67
C ALA A 541 -21.09 -8.87 -2.81
N ALA A 542 -21.87 -9.91 -3.15
CA ALA A 542 -21.53 -10.83 -4.26
C ALA A 542 -22.42 -10.61 -5.47
N LEU A 543 -21.81 -10.60 -6.65
CA LEU A 543 -22.57 -10.65 -7.90
C LEU A 543 -23.13 -12.07 -8.06
N PRO A 544 -24.20 -12.25 -8.86
CA PRO A 544 -24.67 -13.60 -9.14
C PRO A 544 -23.54 -14.50 -9.65
N GLY A 545 -23.45 -15.70 -9.10
CA GLY A 545 -22.39 -16.61 -9.49
C GLY A 545 -21.18 -16.59 -8.57
N GLU A 546 -21.10 -15.60 -7.69
CA GLU A 546 -19.91 -15.47 -6.82
C GLU A 546 -20.05 -16.16 -5.47
N TRP A 547 -21.27 -16.20 -4.94
CA TRP A 547 -21.51 -16.73 -3.59
C TRP A 547 -21.25 -18.23 -3.62
N GLY A 548 -20.17 -18.66 -2.97
CA GLY A 548 -19.83 -20.08 -2.99
C GLY A 548 -18.86 -20.47 -4.10
N LYS A 549 -18.50 -19.54 -4.98
CA LYS A 549 -17.60 -19.92 -6.09
C LYS A 549 -16.18 -20.16 -5.56
N PRO A 550 -15.42 -21.06 -6.21
CA PRO A 550 -14.10 -21.41 -5.67
C PRO A 550 -13.15 -20.22 -5.68
N VAL A 551 -12.27 -20.18 -4.70
CA VAL A 551 -11.15 -19.24 -4.69
C VAL A 551 -9.95 -20.02 -4.17
N ASP A 552 -8.73 -19.63 -4.56
CA ASP A 552 -7.54 -20.37 -4.16
C ASP A 552 -7.74 -21.86 -4.47
N TRP A 553 -8.22 -22.13 -5.70
CA TRP A 553 -8.49 -23.49 -6.20
C TRP A 553 -9.77 -24.16 -5.69
N ASP A 554 -9.82 -24.54 -4.41
CA ASP A 554 -11.02 -25.25 -3.92
C ASP A 554 -11.65 -24.70 -2.65
N LEU A 555 -11.21 -23.52 -2.21
CA LEU A 555 -11.86 -22.91 -1.07
C LEU A 555 -13.20 -22.36 -1.53
N ILE A 556 -14.23 -22.55 -0.71
CA ILE A 556 -15.55 -22.04 -1.02
C ILE A 556 -15.60 -20.57 -0.69
N GLY A 557 -15.68 -19.73 -1.72
CA GLY A 557 -15.73 -18.29 -1.52
C GLY A 557 -16.94 -17.84 -0.70
N GLY A 558 -16.66 -17.18 0.41
CA GLY A 558 -17.71 -16.67 1.27
C GLY A 558 -18.09 -17.58 2.43
N TYR A 559 -17.58 -18.81 2.44
CA TYR A 559 -18.01 -19.83 3.40
C TYR A 559 -17.85 -19.41 4.86
N ASN A 560 -16.72 -18.76 5.16
CA ASN A 560 -16.40 -18.34 6.53
C ASN A 560 -16.54 -16.85 6.79
N LEU A 561 -17.20 -16.16 5.86
CA LEU A 561 -17.48 -14.74 6.03
C LEU A 561 -18.52 -14.57 7.12
N LYS A 562 -18.38 -13.51 7.90
CA LYS A 562 -19.38 -13.24 8.94
C LYS A 562 -19.76 -11.76 8.95
N PRO A 563 -20.98 -11.47 9.45
CA PRO A 563 -21.37 -10.07 9.59
C PRO A 563 -20.35 -9.37 10.47
N HIS A 564 -20.07 -8.11 10.15
CA HIS A 564 -19.06 -7.35 10.88
C HIS A 564 -19.64 -6.83 12.21
N GLN A 565 -19.18 -7.42 13.31
CA GLN A 565 -19.60 -7.02 14.67
C GLN A 565 -18.38 -6.81 15.57
N HIS A 566 -18.50 -6.67 16.80
CA CA B . 14.22 -8.63 0.26
CL CL C . 8.67 8.09 -18.10
C ACT D . -24.88 4.50 -13.54
O ACT D . -24.53 5.58 -13.03
OXT ACT D . -25.03 4.49 -14.78
CH3 ACT D . -25.12 3.29 -12.70
C ACT E . 18.06 23.93 -12.35
O ACT E . 18.92 23.09 -12.68
OXT ACT E . 16.90 23.50 -12.21
CH3 ACT E . 18.39 25.38 -12.15
C ACT F . 0.07 -12.17 -8.08
O ACT F . 0.76 -11.17 -8.36
OXT ACT F . 0.37 -12.76 -7.03
CH3 ACT F . -1.05 -12.62 -8.97
S SO4 G . -12.79 -7.61 -21.90
O1 SO4 G . -12.81 -7.70 -20.43
O2 SO4 G . -11.71 -8.47 -22.37
O3 SO4 G . -12.61 -6.22 -22.33
O4 SO4 G . -14.05 -8.08 -22.44
S SO4 H . -9.17 4.39 -32.78
O1 SO4 H . -10.61 4.56 -32.58
O2 SO4 H . -8.66 3.37 -31.89
O3 SO4 H . -8.50 5.66 -32.52
O4 SO4 H . -8.93 4.01 -34.16
S SO4 I . -26.40 -17.57 -7.76
O1 SO4 I . -26.38 -17.30 -6.32
O2 SO4 I . -27.40 -18.58 -8.04
O3 SO4 I . -25.11 -18.02 -8.20
O4 SO4 I . -26.80 -16.38 -8.49
S SO4 J . 10.29 24.74 -16.32
O1 SO4 J . 9.74 25.94 -15.69
O2 SO4 J . 9.22 23.77 -16.56
O3 SO4 J . 11.31 24.16 -15.43
O4 SO4 J . 10.92 25.09 -17.59
S SO4 K . -24.97 11.06 -15.92
O1 SO4 K . -26.27 10.47 -16.20
O2 SO4 K . -24.05 10.80 -17.04
O3 SO4 K . -24.45 10.45 -14.71
O4 SO4 K . -25.14 12.51 -15.75
S SO4 L . -27.30 5.92 -7.27
O1 SO4 L . -27.14 5.31 -5.96
O2 SO4 L . -27.19 4.88 -8.30
O3 SO4 L . -26.26 6.94 -7.50
O4 SO4 L . -28.60 6.57 -7.39
S SO4 M . 22.00 -3.14 22.87
O1 SO4 M . 21.10 -4.05 23.56
O2 SO4 M . 23.37 -3.65 22.97
O3 SO4 M . 21.92 -1.82 23.48
O4 SO4 M . 21.64 -3.02 21.46
S SO4 N . -10.11 27.29 -27.03
O1 SO4 N . -9.22 26.46 -27.86
O2 SO4 N . -9.38 27.79 -25.88
O3 SO4 N . -11.24 26.51 -26.53
O4 SO4 N . -10.62 28.40 -27.84
S SO4 O . -10.10 -4.51 22.81
O1 SO4 O . -11.20 -5.42 22.54
O2 SO4 O . -10.24 -4.00 24.17
O3 SO4 O . -8.83 -5.20 22.67
O4 SO4 O . -10.16 -3.39 21.88
C1 GOL P . 1.97 -0.58 -8.69
O1 GOL P . 1.89 -1.99 -8.79
C2 GOL P . 2.89 -0.16 -7.57
O2 GOL P . 3.14 1.21 -7.77
C3 GOL P . 2.22 -0.40 -6.22
O3 GOL P . 3.22 -0.52 -5.23
C1 GOL Q . 4.91 -21.01 -3.73
O1 GOL Q . 4.50 -20.09 -4.72
C2 GOL Q . 6.31 -20.65 -3.20
O2 GOL Q . 7.10 -20.07 -4.20
C3 GOL Q . 6.22 -19.75 -1.97
O3 GOL Q . 7.49 -19.19 -1.67
C1 GOL R . -22.28 15.76 5.43
O1 GOL R . -20.90 15.85 5.68
C2 GOL R . -22.87 14.57 6.15
O2 GOL R . -21.92 13.95 6.96
C3 GOL R . -23.37 13.55 5.15
O3 GOL R . -24.07 12.53 5.83
C1 GOL S . 7.43 18.33 11.29
O1 GOL S . 7.98 17.35 12.15
C2 GOL S . 6.89 19.58 12.03
O2 GOL S . 5.67 19.31 12.68
C3 GOL S . 6.60 20.69 11.03
O3 GOL S . 7.77 21.44 10.74
C1 GOL T . -25.18 10.09 -9.77
O1 GOL T . -24.14 9.13 -9.75
C2 GOL T . -24.61 11.48 -9.59
O2 GOL T . -25.46 12.42 -10.21
C3 GOL T . -24.51 11.83 -8.11
O3 GOL T . -23.67 12.95 -7.96
C1 GOL U . -14.04 -18.45 3.01
O1 GOL U . -14.89 -17.48 3.58
C2 GOL U . -13.28 -17.78 1.87
O2 GOL U . -14.14 -16.96 1.10
C3 GOL U . -12.70 -18.86 0.99
O3 GOL U . -11.39 -19.06 1.42
C1 GOL V . 2.98 9.51 18.62
O1 GOL V . 4.26 10.11 18.74
C2 GOL V . 2.32 9.53 19.99
O2 GOL V . 2.11 10.87 20.39
C3 GOL V . 0.99 8.77 19.94
O3 GOL V . -0.02 9.60 19.41
C1 GOL W . 3.31 -4.21 -10.67
O1 GOL W . 4.02 -5.42 -10.85
C2 GOL W . 2.75 -3.84 -12.04
O2 GOL W . 1.76 -4.79 -12.40
C3 GOL W . 2.24 -2.40 -12.06
O3 GOL W . 1.09 -2.24 -11.26
C1 GOL X . -0.54 -5.07 -7.22
O1 GOL X . 0.71 -4.89 -6.59
C2 GOL X . -1.06 -3.75 -7.81
O2 GOL X . -2.23 -3.93 -8.56
C3 GOL X . -1.35 -2.74 -6.72
O3 GOL X . -0.41 -1.72 -6.86
#